data_3QE4
#
_entry.id   3QE4
#
_cell.length_a   52.524
_cell.length_b   68.937
_cell.length_c   82.089
_cell.angle_alpha   90.00
_cell.angle_beta   90.60
_cell.angle_gamma   90.00
#
_symmetry.space_group_name_H-M   'P 1 21 1'
#
loop_
_entity.id
_entity.type
_entity.pdbx_description
1 polymer 'Tyrosyl-tRNA synthetase'
2 non-polymer 4-cyano-L-phenylalanine
3 water water
#
_entity_poly.entity_id   1
_entity_poly.type   'polypeptide(L)'
_entity_poly.pdbx_seq_one_letter_code
;MDEFEMIKRNTSEIISEEELREVLKKDEKSALIGFEPSGKIHLGHYLQIKKMIDLQNAGFDIIIVLADLHAYLNQKGELD
EIRKIGDYNKKVFEAMGLKAKYVYGSEWMLDKDYTLNVYRLALKTTLKRARRSMELIAREDENPKVAEVIYPIMQVNGAH
YLGVDVAVGGMEQRKIHMLARELLPKKVVCIHNPVLTGLDGEGKMSSSKGNFIAVDDSPEEIRAKIKKAYCPAGVVEGNP
IMEIAKYFLEYPLTIKRPEKFGGDLTVNSYEELESLFKNKELHPMDLKNAVAEELIKILEPIRKRLLIRKRL
;
_entity_poly.pdbx_strand_id   A,B
#
# COMPACT_ATOMS: atom_id res chain seq x y z
N MET A 1 -8.05 -14.51 -16.87
CA MET A 1 -7.15 -14.88 -17.94
C MET A 1 -6.56 -16.30 -17.77
N ASP A 2 -5.23 -16.62 -17.62
CA ASP A 2 -3.97 -15.92 -17.31
C ASP A 2 -3.95 -15.29 -15.94
N GLU A 3 -4.46 -14.04 -15.79
CA GLU A 3 -4.64 -13.40 -14.49
C GLU A 3 -5.25 -14.48 -13.63
N PHE A 4 -6.29 -15.18 -14.14
CA PHE A 4 -6.99 -16.26 -13.48
C PHE A 4 -6.08 -17.33 -12.92
N GLU A 5 -5.30 -17.94 -13.79
CA GLU A 5 -4.42 -19.03 -13.47
C GLU A 5 -3.31 -18.66 -12.49
N MET A 6 -2.84 -17.41 -12.59
CA MET A 6 -1.75 -16.84 -11.80
C MET A 6 -2.25 -16.69 -10.38
N ILE A 7 -3.49 -16.25 -10.26
CA ILE A 7 -4.21 -16.15 -9.01
C ILE A 7 -4.50 -17.55 -8.47
N LYS A 8 -5.16 -18.42 -9.25
CA LYS A 8 -5.48 -19.81 -8.80
C LYS A 8 -4.25 -20.61 -8.36
N ARG A 9 -3.07 -20.21 -8.80
CA ARG A 9 -1.83 -20.90 -8.52
C ARG A 9 -1.55 -20.93 -7.03
N ASN A 10 -1.29 -22.15 -6.52
CA ASN A 10 -0.93 -22.40 -5.14
C ASN A 10 -2.02 -22.06 -4.10
N THR A 11 -3.31 -22.14 -4.49
CA THR A 11 -4.43 -21.93 -3.54
C THR A 11 -5.14 -23.28 -3.30
N SER A 12 -5.87 -23.42 -2.21
CA SER A 12 -6.59 -24.67 -1.88
C SER A 12 -7.97 -24.74 -2.51
N GLU A 13 -8.62 -23.57 -2.65
CA GLU A 13 -9.94 -23.39 -3.25
C GLU A 13 -10.30 -21.94 -3.47
N ILE A 14 -11.19 -21.73 -4.44
CA ILE A 14 -11.76 -20.45 -4.80
C ILE A 14 -13.27 -20.63 -4.80
N ILE A 15 -13.96 -19.88 -3.95
CA ILE A 15 -15.42 -19.84 -3.86
C ILE A 15 -15.89 -18.47 -4.39
N SER A 16 -16.29 -18.38 -5.67
CA SER A 16 -16.26 -19.49 -6.63
C SER A 16 -15.53 -19.05 -7.88
N GLU A 17 -14.65 -19.94 -8.36
CA GLU A 17 -13.81 -19.80 -9.54
C GLU A 17 -14.52 -19.01 -10.65
N GLU A 18 -15.78 -19.40 -10.98
CA GLU A 18 -16.69 -18.75 -11.94
C GLU A 18 -16.88 -17.24 -11.65
N GLU A 19 -17.32 -16.90 -10.44
CA GLU A 19 -17.49 -15.51 -9.99
C GLU A 19 -16.15 -14.73 -10.07
N LEU A 20 -15.01 -15.38 -9.77
CA LEU A 20 -13.69 -14.75 -9.90
C LEU A 20 -13.44 -14.23 -11.32
N ARG A 21 -13.73 -15.08 -12.36
CA ARG A 21 -13.62 -14.75 -13.80
C ARG A 21 -14.43 -13.47 -14.11
N GLU A 22 -15.69 -13.45 -13.64
CA GLU A 22 -16.65 -12.33 -13.75
C GLU A 22 -16.05 -11.04 -13.16
N VAL A 23 -15.54 -11.09 -11.89
CA VAL A 23 -14.84 -9.99 -11.20
C VAL A 23 -13.69 -9.47 -12.07
N LEU A 24 -12.87 -10.37 -12.60
CA LEU A 24 -11.73 -9.98 -13.44
C LEU A 24 -12.12 -9.14 -14.64
N LYS A 25 -13.32 -9.35 -15.20
CA LYS A 25 -13.82 -8.55 -16.33
C LYS A 25 -14.03 -7.06 -15.96
N LYS A 26 -14.18 -6.73 -14.67
CA LYS A 26 -14.39 -5.34 -14.21
C LYS A 26 -13.12 -4.51 -14.29
N ASP A 27 -13.27 -3.18 -14.51
CA ASP A 27 -12.17 -2.23 -14.58
C ASP A 27 -11.71 -1.85 -13.18
N GLU A 28 -12.63 -1.79 -12.23
CA GLU A 28 -12.34 -1.51 -10.83
C GLU A 28 -12.62 -2.78 -10.01
N LYS A 29 -11.61 -3.25 -9.27
CA LYS A 29 -11.71 -4.44 -8.43
C LYS A 29 -10.88 -4.27 -7.17
N SER A 30 -11.40 -4.82 -6.07
CA SER A 30 -10.82 -4.72 -4.74
C SER A 30 -10.68 -6.06 -4.05
N ALA A 31 -9.60 -6.21 -3.26
CA ALA A 31 -9.30 -7.42 -2.50
C ALA A 31 -8.75 -7.14 -1.12
N LEU A 32 -9.21 -7.90 -0.14
CA LEU A 32 -8.69 -7.77 1.20
C LEU A 32 -8.25 -9.10 1.75
N ILE A 33 -7.38 -8.98 2.73
CA ILE A 33 -6.92 -10.00 3.62
C ILE A 33 -6.75 -9.27 4.93
N GLY A 34 -7.06 -9.93 6.00
CA GLY A 34 -6.86 -9.39 7.32
C GLY A 34 -6.07 -10.36 8.15
N PHE A 35 -5.30 -9.85 9.11
CA PHE A 35 -4.50 -10.65 10.04
C PHE A 35 -4.61 -10.10 11.44
N GLU A 36 -4.80 -10.98 12.41
CA GLU A 36 -4.81 -10.59 13.81
C GLU A 36 -3.33 -10.24 14.09
N PRO A 37 -2.94 -9.06 14.63
CA PRO A 37 -1.52 -8.82 14.87
C PRO A 37 -0.78 -9.95 15.59
N SER A 38 0.41 -10.28 15.12
CA SER A 38 1.27 -11.33 15.65
C SER A 38 2.69 -10.79 15.78
N GLY A 39 3.28 -10.97 16.97
CA GLY A 39 4.64 -10.56 17.30
C GLY A 39 5.68 -11.04 16.30
N LYS A 40 5.51 -12.27 15.77
CA LYS A 40 6.38 -12.78 14.72
C LYS A 40 5.60 -13.04 13.44
N ILE A 41 6.10 -12.50 12.34
CA ILE A 41 5.52 -12.72 11.01
C ILE A 41 6.32 -13.82 10.30
N HIS A 42 5.69 -14.95 10.01
CA HIS A 42 6.34 -16.12 9.47
C HIS A 42 6.04 -16.36 7.99
N LEU A 43 6.48 -17.54 7.46
CA LEU A 43 6.25 -17.99 6.07
C LEU A 43 4.77 -18.24 5.76
N GLY A 44 3.97 -18.49 6.78
CA GLY A 44 2.52 -18.65 6.60
C GLY A 44 1.91 -17.34 6.15
N HIS A 45 2.35 -16.24 6.77
CA HIS A 45 1.92 -14.90 6.43
C HIS A 45 2.43 -14.50 5.03
N TYR A 46 3.74 -14.72 4.73
CA TYR A 46 4.37 -14.36 3.45
C TYR A 46 3.66 -15.01 2.24
N LEU A 47 3.29 -16.30 2.36
CA LEU A 47 2.58 -17.10 1.36
C LEU A 47 1.33 -16.36 0.92
N GLN A 48 0.58 -15.82 1.89
CA GLN A 48 -0.65 -15.07 1.70
C GLN A 48 -0.44 -13.72 1.06
N ILE A 49 0.62 -13.00 1.49
CA ILE A 49 1.04 -11.72 0.93
C ILE A 49 1.40 -11.92 -0.53
N LYS A 50 2.15 -13.00 -0.87
CA LYS A 50 2.53 -13.33 -2.27
C LYS A 50 1.25 -13.45 -3.07
N LYS A 51 0.20 -14.09 -2.50
CA LYS A 51 -1.11 -14.16 -3.14
C LYS A 51 -1.73 -12.77 -3.38
N MET A 52 -1.56 -11.84 -2.44
CA MET A 52 -2.04 -10.44 -2.61
C MET A 52 -1.30 -9.77 -3.73
N ILE A 53 0.04 -9.91 -3.79
CA ILE A 53 0.94 -9.44 -4.85
C ILE A 53 0.41 -9.89 -6.24
N ASP A 54 0.02 -11.16 -6.34
CA ASP A 54 -0.59 -11.81 -7.51
C ASP A 54 -1.90 -11.11 -7.86
N LEU A 55 -2.74 -10.80 -6.84
CA LEU A 55 -4.00 -10.08 -7.10
C LEU A 55 -3.70 -8.62 -7.49
N GLN A 56 -2.71 -8.00 -6.83
CA GLN A 56 -2.24 -6.65 -7.08
C GLN A 56 -1.80 -6.52 -8.51
N ASN A 57 -0.95 -7.46 -9.02
CA ASN A 57 -0.47 -7.49 -10.42
C ASN A 57 -1.58 -7.77 -11.44
N ALA A 58 -2.73 -8.34 -11.00
CA ALA A 58 -3.89 -8.61 -11.85
C ALA A 58 -4.88 -7.42 -11.93
N GLY A 59 -4.55 -6.27 -11.32
CA GLY A 59 -5.40 -5.10 -11.38
C GLY A 59 -6.23 -4.77 -10.15
N PHE A 60 -6.25 -5.68 -9.15
CA PHE A 60 -6.93 -5.51 -7.87
C PHE A 60 -6.28 -4.45 -7.01
N ASP A 61 -7.11 -3.64 -6.33
CA ASP A 61 -6.65 -2.70 -5.31
C ASP A 61 -6.64 -3.55 -4.06
N ILE A 62 -5.50 -3.56 -3.37
CA ILE A 62 -5.32 -4.39 -2.17
C ILE A 62 -5.47 -3.62 -0.89
N ILE A 63 -6.25 -4.20 0.03
CA ILE A 63 -6.48 -3.73 1.38
C ILE A 63 -5.98 -4.79 2.34
N ILE A 64 -5.15 -4.37 3.29
CA ILE A 64 -4.67 -5.24 4.36
C ILE A 64 -5.30 -4.72 5.64
N VAL A 65 -6.02 -5.60 6.33
CA VAL A 65 -6.62 -5.22 7.59
C VAL A 65 -5.75 -5.73 8.73
N LEU A 66 -5.21 -4.80 9.52
CA LEU A 66 -4.47 -5.14 10.73
C LEU A 66 -5.61 -5.23 11.78
N ALA A 67 -6.06 -6.47 12.05
CA ALA A 67 -7.24 -6.74 12.87
C ALA A 67 -6.97 -6.76 14.37
N ASP A 68 -6.59 -5.58 14.89
CA ASP A 68 -6.26 -5.39 16.30
C ASP A 68 -7.46 -5.63 17.23
N LEU A 69 -8.66 -5.30 16.72
CA LEU A 69 -9.88 -5.49 17.48
C LEU A 69 -10.26 -6.98 17.60
N HIS A 70 -10.08 -7.76 16.53
CA HIS A 70 -10.33 -9.19 16.47
C HIS A 70 -9.42 -9.97 17.38
N ALA A 71 -8.13 -9.60 17.39
CA ALA A 71 -7.12 -10.18 18.27
C ALA A 71 -7.50 -9.83 19.71
N TYR A 72 -7.94 -8.57 19.98
CA TYR A 72 -8.40 -8.16 21.32
C TYR A 72 -9.52 -9.13 21.80
N LEU A 73 -10.50 -9.34 20.91
CA LEU A 73 -11.67 -10.19 21.08
C LEU A 73 -11.27 -11.65 21.21
N ASN A 74 -10.16 -12.05 20.56
CA ASN A 74 -9.64 -13.41 20.57
C ASN A 74 -8.55 -13.57 21.66
N GLN A 75 -8.65 -12.74 22.73
CA GLN A 75 -7.81 -12.74 23.94
C GLN A 75 -6.27 -12.72 23.71
N LYS A 76 -5.82 -11.96 22.72
CA LYS A 76 -4.40 -11.82 22.41
C LYS A 76 -3.73 -10.79 23.33
N GLY A 77 -4.53 -10.07 24.12
CA GLY A 77 -4.02 -9.08 25.07
C GLY A 77 -4.72 -7.72 25.04
N GLU A 78 -4.04 -6.69 25.53
CA GLU A 78 -4.59 -5.34 25.57
C GLU A 78 -4.56 -4.65 24.21
N LEU A 79 -5.61 -3.87 23.91
CA LEU A 79 -5.82 -3.10 22.68
C LEU A 79 -4.64 -2.24 22.25
N ASP A 80 -4.04 -1.49 23.18
CA ASP A 80 -2.91 -0.61 22.85
C ASP A 80 -1.65 -1.42 22.54
N GLU A 81 -1.44 -2.52 23.27
CA GLU A 81 -0.33 -3.46 23.11
C GLU A 81 -0.41 -4.21 21.77
N ILE A 82 -1.64 -4.49 21.30
CA ILE A 82 -1.91 -5.18 20.03
C ILE A 82 -1.72 -4.24 18.83
N ARG A 83 -2.08 -2.94 18.97
CA ARG A 83 -1.90 -1.95 17.91
C ARG A 83 -0.41 -1.73 17.64
N LYS A 84 0.42 -1.73 18.70
CA LYS A 84 1.88 -1.59 18.56
C LYS A 84 2.43 -2.80 17.78
N ILE A 85 1.95 -4.04 18.11
CA ILE A 85 2.33 -5.25 17.37
C ILE A 85 1.90 -5.06 15.90
N GLY A 86 0.69 -4.50 15.71
CA GLY A 86 0.15 -4.18 14.40
C GLY A 86 0.96 -3.14 13.64
N ASP A 87 1.62 -2.22 14.36
CA ASP A 87 2.49 -1.18 13.72
C ASP A 87 3.67 -1.91 13.09
N TYR A 88 4.24 -2.87 13.84
CA TYR A 88 5.37 -3.68 13.42
C TYR A 88 5.01 -4.55 12.20
N ASN A 89 3.80 -5.12 12.21
CA ASN A 89 3.27 -5.96 11.14
C ASN A 89 3.18 -5.21 9.83
N LYS A 90 2.58 -3.99 9.85
CA LYS A 90 2.52 -3.10 8.67
C LYS A 90 3.92 -2.96 8.03
N LYS A 91 4.95 -2.71 8.86
CA LYS A 91 6.33 -2.52 8.42
C LYS A 91 6.91 -3.73 7.72
N VAL A 92 6.62 -4.93 8.25
CA VAL A 92 7.00 -6.22 7.71
C VAL A 92 6.32 -6.46 6.34
N PHE A 93 5.00 -6.21 6.27
CA PHE A 93 4.24 -6.40 5.03
C PHE A 93 4.68 -5.36 3.99
N GLU A 94 5.11 -4.17 4.49
CA GLU A 94 5.60 -3.04 3.73
C GLU A 94 7.04 -3.30 3.23
N ALA A 95 7.61 -4.46 3.62
CA ALA A 95 8.94 -4.86 3.21
C ALA A 95 8.81 -6.03 2.26
N MET A 96 7.67 -6.73 2.32
CA MET A 96 7.39 -7.92 1.50
C MET A 96 7.15 -7.66 0.01
N GLY A 97 7.29 -6.41 -0.39
CA GLY A 97 7.15 -6.06 -1.80
C GLY A 97 5.74 -5.95 -2.35
N LEU A 98 4.78 -5.42 -1.57
CA LEU A 98 3.40 -5.23 -2.02
C LEU A 98 2.86 -3.82 -1.69
N LYS A 99 2.40 -3.11 -2.71
CA LYS A 99 1.76 -1.83 -2.46
C LYS A 99 0.27 -2.11 -2.18
N ALA A 100 -0.17 -1.73 -0.97
CA ALA A 100 -1.54 -1.92 -0.51
C ALA A 100 -1.96 -0.84 0.47
N LYS A 101 -3.28 -0.60 0.61
CA LYS A 101 -3.74 0.31 1.66
C LYS A 101 -3.80 -0.58 2.91
N TYR A 102 -3.25 -0.06 4.02
CA TYR A 102 -3.21 -0.73 5.33
C TYR A 102 -4.20 -0.05 6.22
N VAL A 103 -4.99 -0.84 6.90
CA VAL A 103 -6.04 -0.29 7.72
C VAL A 103 -6.19 -1.04 9.03
N TYR A 104 -6.34 -0.28 10.13
CA TYR A 104 -6.52 -0.86 11.46
C TYR A 104 -7.99 -1.11 11.73
N GLY A 105 -8.28 -2.28 12.32
CA GLY A 105 -9.62 -2.65 12.75
C GLY A 105 -10.25 -1.57 13.61
N SER A 106 -9.54 -1.20 14.68
CA SER A 106 -9.93 -0.16 15.65
C SER A 106 -10.23 1.24 15.05
N GLU A 107 -9.86 1.52 13.78
CA GLU A 107 -10.20 2.79 13.16
C GLU A 107 -11.70 2.77 12.80
N TRP A 108 -12.07 2.00 11.78
CA TRP A 108 -13.43 1.87 11.24
C TRP A 108 -14.36 0.81 11.84
N MET A 109 -13.84 -0.15 12.62
CA MET A 109 -14.77 -1.16 13.18
C MET A 109 -15.58 -0.66 14.40
N LEU A 110 -15.41 0.63 14.77
CA LEU A 110 -16.13 1.27 15.88
C LEU A 110 -17.03 2.43 15.36
N ASP A 111 -17.10 2.57 14.01
CA ASP A 111 -17.95 3.53 13.26
C ASP A 111 -19.39 3.25 13.61
N LYS A 112 -20.21 4.30 13.79
CA LYS A 112 -21.64 4.09 14.10
C LYS A 112 -22.29 3.20 13.04
N ASP A 113 -22.06 3.52 11.75
CA ASP A 113 -22.57 2.80 10.60
C ASP A 113 -22.07 1.35 10.56
N TYR A 114 -20.83 1.11 11.06
CA TYR A 114 -20.25 -0.22 11.13
C TYR A 114 -20.97 -1.03 12.22
N THR A 115 -20.84 -0.58 13.45
CA THR A 115 -21.49 -1.13 14.65
C THR A 115 -22.97 -1.44 14.38
N LEU A 116 -23.69 -0.49 13.75
CA LEU A 116 -25.12 -0.71 13.42
C LEU A 116 -25.30 -1.97 12.56
N ASN A 117 -24.45 -2.18 11.52
CA ASN A 117 -24.56 -3.38 10.66
C ASN A 117 -24.16 -4.70 11.33
N VAL A 118 -23.24 -4.64 12.31
CA VAL A 118 -22.77 -5.76 13.11
C VAL A 118 -23.95 -6.34 13.88
N TYR A 119 -24.75 -5.43 14.52
CA TYR A 119 -25.97 -5.79 15.25
C TYR A 119 -26.99 -6.37 14.30
N ARG A 120 -27.14 -5.76 13.12
CA ARG A 120 -28.04 -6.31 12.09
C ARG A 120 -27.66 -7.77 11.69
N LEU A 121 -26.33 -8.10 11.66
CA LEU A 121 -25.79 -9.41 11.36
C LEU A 121 -25.95 -10.37 12.52
N ALA A 122 -25.90 -9.86 13.78
CA ALA A 122 -26.08 -10.65 15.01
C ALA A 122 -27.48 -11.26 15.07
N LEU A 123 -28.46 -10.53 14.53
CA LEU A 123 -29.87 -10.94 14.45
C LEU A 123 -30.07 -12.04 13.44
N LYS A 124 -29.23 -12.03 12.36
CA LYS A 124 -29.26 -13.02 11.27
C LYS A 124 -28.40 -14.25 11.60
N THR A 125 -27.40 -14.09 12.53
CA THR A 125 -26.48 -15.16 12.88
C THR A 125 -26.92 -15.93 14.10
N THR A 126 -26.98 -17.28 13.94
CA THR A 126 -27.30 -18.19 15.05
C THR A 126 -26.02 -18.35 15.91
N LEU A 127 -26.17 -18.57 17.21
CA LEU A 127 -24.98 -18.78 18.06
C LEU A 127 -24.18 -20.02 17.56
N LYS A 128 -24.88 -21.06 17.05
CA LYS A 128 -24.30 -22.29 16.53
C LYS A 128 -23.42 -22.04 15.30
N ARG A 129 -23.90 -21.27 14.30
CA ARG A 129 -23.09 -20.89 13.10
C ARG A 129 -21.89 -20.04 13.49
N ALA A 130 -22.04 -19.11 14.45
CA ALA A 130 -20.93 -18.24 14.93
C ALA A 130 -19.88 -19.07 15.72
N ARG A 131 -20.33 -19.94 16.65
CA ARG A 131 -19.45 -20.87 17.39
C ARG A 131 -18.69 -21.82 16.42
N ARG A 132 -19.41 -22.40 15.44
CA ARG A 132 -18.85 -23.33 14.43
C ARG A 132 -17.85 -22.64 13.53
N SER A 133 -18.12 -21.39 13.13
CA SER A 133 -17.19 -20.62 12.29
C SER A 133 -15.83 -20.34 12.96
N MET A 134 -15.81 -20.31 14.32
CA MET A 134 -14.61 -20.03 15.14
C MET A 134 -13.81 -21.24 15.62
N GLU A 135 -14.26 -22.50 15.38
CA GLU A 135 -13.55 -23.71 15.89
C GLU A 135 -12.05 -23.70 15.64
N LEU A 136 -11.62 -23.38 14.45
CA LEU A 136 -10.20 -23.34 14.06
C LEU A 136 -9.57 -21.97 14.34
N ILE A 137 -10.34 -21.02 14.94
CA ILE A 137 -9.79 -19.70 15.15
C ILE A 137 -9.61 -19.34 16.59
N ALA A 138 -10.62 -19.63 17.40
CA ALA A 138 -10.66 -19.26 18.80
C ALA A 138 -9.53 -19.82 19.63
N ARG A 139 -9.00 -18.96 20.52
CA ARG A 139 -7.99 -19.30 21.53
C ARG A 139 -8.73 -20.20 22.51
N GLU A 140 -8.20 -21.42 22.79
CA GLU A 140 -8.85 -22.41 23.63
C GLU A 140 -9.31 -21.88 25.00
N ASP A 141 -10.64 -21.78 25.18
CA ASP A 141 -11.26 -21.28 26.40
C ASP A 141 -12.21 -22.32 26.98
N GLU A 142 -12.04 -22.59 28.28
CA GLU A 142 -12.79 -23.55 29.08
C GLU A 142 -14.24 -23.11 29.35
N ASN A 143 -14.50 -21.79 29.21
CA ASN A 143 -15.80 -21.12 29.41
C ASN A 143 -15.94 -20.06 28.29
N PRO A 144 -16.51 -20.45 27.12
CA PRO A 144 -16.59 -19.52 25.98
C PRO A 144 -17.25 -18.19 26.28
N LYS A 145 -16.59 -17.12 25.85
CA LYS A 145 -17.01 -15.74 26.06
C LYS A 145 -17.86 -15.22 24.92
N VAL A 146 -18.68 -14.22 25.22
CA VAL A 146 -19.54 -13.50 24.26
C VAL A 146 -18.70 -12.92 23.08
N ALA A 147 -17.40 -12.50 23.35
CA ALA A 147 -16.46 -11.96 22.32
C ALA A 147 -16.25 -12.91 21.14
N GLU A 148 -16.33 -14.22 21.42
CA GLU A 148 -16.14 -15.35 20.48
C GLU A 148 -17.10 -15.31 19.31
N VAL A 149 -18.36 -15.01 19.58
CA VAL A 149 -19.43 -14.98 18.57
C VAL A 149 -19.56 -13.59 17.92
N ILE A 150 -18.95 -12.53 18.52
CA ILE A 150 -18.94 -11.17 17.91
C ILE A 150 -17.88 -11.17 16.79
N TYR A 151 -16.73 -11.79 17.09
CA TYR A 151 -15.59 -11.96 16.19
C TYR A 151 -16.02 -12.36 14.75
N PRO A 152 -16.74 -13.48 14.47
CA PRO A 152 -17.06 -13.76 13.05
C PRO A 152 -17.88 -12.68 12.38
N ILE A 153 -18.93 -12.17 13.03
CA ILE A 153 -19.81 -11.13 12.47
C ILE A 153 -19.10 -9.77 12.15
N MET A 154 -18.04 -9.46 12.86
CA MET A 154 -17.26 -8.26 12.63
C MET A 154 -16.33 -8.49 11.46
N GLN A 155 -15.88 -9.75 11.29
CA GLN A 155 -15.01 -10.11 10.18
C GLN A 155 -15.84 -10.03 8.90
N VAL A 156 -17.04 -10.68 8.92
CA VAL A 156 -18.03 -10.71 7.83
C VAL A 156 -18.34 -9.27 7.34
N ASN A 157 -18.56 -8.34 8.26
CA ASN A 157 -18.91 -6.95 7.97
C ASN A 157 -17.76 -6.09 7.40
N GLY A 158 -16.52 -6.51 7.62
CA GLY A 158 -15.35 -5.81 7.10
C GLY A 158 -15.32 -5.87 5.59
N ALA A 159 -15.69 -7.05 5.02
CA ALA A 159 -15.76 -7.30 3.58
C ALA A 159 -16.83 -6.44 2.96
N HIS A 160 -17.94 -6.20 3.71
CA HIS A 160 -19.07 -5.36 3.34
C HIS A 160 -18.67 -3.88 3.42
N TYR A 161 -18.06 -3.45 4.55
CA TYR A 161 -17.70 -2.06 4.79
C TYR A 161 -16.78 -1.58 3.75
N LEU A 162 -15.78 -2.40 3.46
CA LEU A 162 -14.75 -2.09 2.51
C LEU A 162 -15.15 -2.20 1.05
N GLY A 163 -16.24 -2.90 0.77
CA GLY A 163 -16.75 -3.03 -0.59
C GLY A 163 -15.90 -3.90 -1.52
N VAL A 164 -15.09 -4.80 -0.92
CA VAL A 164 -14.21 -5.71 -1.67
C VAL A 164 -14.99 -6.70 -2.56
N ASP A 165 -14.36 -7.11 -3.65
CA ASP A 165 -14.95 -8.09 -4.55
C ASP A 165 -14.45 -9.48 -4.17
N VAL A 166 -13.29 -9.52 -3.48
CA VAL A 166 -12.59 -10.70 -3.11
C VAL A 166 -12.10 -10.58 -1.65
N ALA A 167 -12.20 -11.72 -0.89
CA ALA A 167 -11.64 -11.85 0.43
C ALA A 167 -10.67 -13.01 0.36
N VAL A 168 -9.48 -12.84 0.95
CA VAL A 168 -8.41 -13.83 0.93
C VAL A 168 -8.06 -14.17 2.36
N GLY A 169 -7.91 -15.47 2.62
CA GLY A 169 -7.51 -15.98 3.91
C GLY A 169 -6.98 -17.38 3.75
N GLY A 170 -6.51 -17.96 4.83
CA GLY A 170 -6.08 -19.34 4.86
C GLY A 170 -7.29 -20.24 4.92
N MET A 171 -7.09 -21.56 4.76
CA MET A 171 -8.19 -22.54 4.82
C MET A 171 -9.04 -22.54 6.11
N GLU A 172 -8.45 -22.19 7.25
CA GLU A 172 -9.15 -22.12 8.54
C GLU A 172 -10.24 -21.00 8.60
N GLN A 173 -10.21 -20.00 7.66
CA GLN A 173 -11.16 -18.89 7.53
C GLN A 173 -12.41 -19.29 6.72
N ARG A 174 -12.35 -20.49 6.11
CA ARG A 174 -13.40 -21.09 5.27
C ARG A 174 -14.81 -20.87 5.84
N LYS A 175 -15.04 -21.19 7.14
CA LYS A 175 -16.39 -21.04 7.72
C LYS A 175 -16.88 -19.61 7.85
N ILE A 176 -16.02 -18.69 8.29
CA ILE A 176 -16.38 -17.28 8.39
C ILE A 176 -16.67 -16.71 6.98
N HIS A 177 -15.90 -17.15 5.98
CA HIS A 177 -16.07 -16.76 4.58
C HIS A 177 -17.39 -17.29 3.98
N MET A 178 -17.82 -18.49 4.42
CA MET A 178 -19.08 -19.15 4.04
C MET A 178 -20.29 -18.39 4.65
N LEU A 179 -20.10 -17.86 5.88
CA LEU A 179 -21.06 -17.06 6.65
C LEU A 179 -21.25 -15.73 5.95
N ALA A 180 -20.11 -15.08 5.59
CA ALA A 180 -20.05 -13.83 4.85
C ALA A 180 -20.86 -13.98 3.55
N ARG A 181 -20.74 -15.15 2.85
CA ARG A 181 -21.49 -15.36 1.61
C ARG A 181 -23.00 -15.57 1.79
N GLU A 182 -23.47 -15.73 3.05
CA GLU A 182 -24.87 -15.91 3.40
C GLU A 182 -25.45 -14.68 4.04
N LEU A 183 -24.62 -13.90 4.71
CA LEU A 183 -25.14 -12.71 5.41
C LEU A 183 -25.08 -11.41 4.61
N LEU A 184 -24.24 -11.35 3.55
CA LEU A 184 -24.08 -10.10 2.82
C LEU A 184 -24.88 -10.01 1.52
N PRO A 185 -25.38 -8.78 1.18
CA PRO A 185 -26.13 -8.58 -0.08
C PRO A 185 -25.29 -8.85 -1.32
N LYS A 186 -23.98 -8.54 -1.23
CA LYS A 186 -23.06 -8.79 -2.33
C LYS A 186 -22.22 -9.98 -1.97
N LYS A 187 -22.30 -11.04 -2.75
CA LYS A 187 -21.44 -12.21 -2.52
C LYS A 187 -19.99 -11.86 -2.94
N VAL A 188 -19.02 -12.07 -2.03
CA VAL A 188 -17.61 -11.80 -2.31
C VAL A 188 -16.92 -13.09 -2.72
N VAL A 189 -15.93 -12.99 -3.58
CA VAL A 189 -15.20 -14.17 -4.01
C VAL A 189 -14.20 -14.46 -2.89
N CYS A 190 -14.17 -15.72 -2.44
CA CYS A 190 -13.32 -16.16 -1.36
C CYS A 190 -12.20 -17.07 -1.82
N ILE A 191 -10.96 -16.58 -1.70
CA ILE A 191 -9.77 -17.32 -2.11
C ILE A 191 -9.07 -17.87 -0.87
N HIS A 192 -8.89 -19.20 -0.82
CA HIS A 192 -8.24 -19.83 0.33
C HIS A 192 -6.86 -20.42 -0.01
N ASN A 193 -5.84 -20.05 0.79
CA ASN A 193 -4.46 -20.52 0.68
C ASN A 193 -4.29 -21.75 1.57
N PRO A 194 -3.35 -22.68 1.26
CA PRO A 194 -3.18 -23.85 2.13
C PRO A 194 -2.52 -23.52 3.47
N VAL A 195 -2.70 -24.41 4.43
CA VAL A 195 -2.12 -24.24 5.74
C VAL A 195 -0.71 -24.89 5.71
N LEU A 196 0.32 -24.05 5.93
CA LEU A 196 1.73 -24.47 5.95
C LEU A 196 1.96 -25.39 7.13
N THR A 197 2.72 -26.44 6.93
CA THR A 197 3.03 -27.36 8.01
C THR A 197 4.16 -26.74 8.85
N GLY A 198 4.01 -26.84 10.19
CA GLY A 198 4.98 -26.38 11.17
C GLY A 198 6.31 -27.10 10.99
N LEU A 199 7.42 -26.48 11.45
CA LEU A 199 8.76 -27.03 11.30
C LEU A 199 8.97 -28.39 11.97
N ASP A 200 8.22 -28.68 13.05
CA ASP A 200 8.28 -29.93 13.80
C ASP A 200 7.31 -31.01 13.27
N GLY A 201 6.64 -30.69 12.17
CA GLY A 201 5.66 -31.58 11.53
C GLY A 201 4.26 -31.44 12.11
N GLU A 202 4.10 -30.55 13.11
CA GLU A 202 2.86 -30.32 13.86
C GLU A 202 1.90 -29.33 13.20
N GLY A 203 1.04 -29.89 12.35
CA GLY A 203 -0.02 -29.21 11.65
C GLY A 203 0.27 -27.87 11.01
N LYS A 204 0.18 -26.79 11.81
CA LYS A 204 0.30 -25.39 11.38
C LYS A 204 1.55 -24.66 11.89
N MET A 205 2.05 -23.73 11.05
CA MET A 205 3.17 -22.83 11.33
C MET A 205 2.56 -21.74 12.20
N SER A 206 2.88 -21.74 13.49
CA SER A 206 2.28 -20.80 14.43
C SER A 206 3.28 -20.07 15.31
N SER A 207 3.02 -18.76 15.46
CA SER A 207 3.79 -17.79 16.23
C SER A 207 3.94 -18.14 17.72
N SER A 208 2.86 -18.68 18.34
CA SER A 208 2.83 -19.11 19.75
C SER A 208 3.44 -20.52 19.95
N LYS A 209 3.49 -21.32 18.87
CA LYS A 209 3.99 -22.71 18.89
C LYS A 209 5.53 -22.85 18.85
N GLY A 210 6.20 -21.89 18.24
CA GLY A 210 7.66 -21.88 18.10
C GLY A 210 8.18 -22.95 17.16
N ASN A 211 7.56 -23.07 15.97
CA ASN A 211 7.90 -24.06 14.93
C ASN A 211 7.78 -23.40 13.54
N PHE A 212 8.24 -22.16 13.46
CA PHE A 212 8.10 -21.31 12.28
C PHE A 212 9.40 -20.66 11.88
N ILE A 213 9.51 -20.28 10.61
CA ILE A 213 10.61 -19.47 10.13
C ILE A 213 9.98 -18.10 9.99
N ALA A 214 10.44 -17.15 10.82
CA ALA A 214 9.96 -15.78 10.77
C ALA A 214 10.69 -15.07 9.63
N VAL A 215 10.03 -14.13 8.96
CA VAL A 215 10.63 -13.42 7.83
C VAL A 215 11.82 -12.54 8.21
N ASP A 216 11.85 -12.11 9.47
CA ASP A 216 12.93 -11.27 10.00
C ASP A 216 14.07 -12.10 10.59
N ASP A 217 13.90 -13.43 10.67
CA ASP A 217 14.92 -14.37 11.16
C ASP A 217 16.26 -14.18 10.48
N SER A 218 17.33 -14.14 11.28
CA SER A 218 18.68 -13.96 10.78
C SER A 218 19.14 -15.24 10.09
N PRO A 219 20.18 -15.19 9.20
CA PRO A 219 20.64 -16.41 8.51
C PRO A 219 20.92 -17.62 9.39
N GLU A 220 21.54 -17.39 10.57
CA GLU A 220 21.89 -18.43 11.52
C GLU A 220 20.66 -19.14 12.09
N GLU A 221 19.59 -18.37 12.35
CA GLU A 221 18.33 -18.90 12.84
C GLU A 221 17.69 -19.74 11.76
N ILE A 222 17.65 -19.25 10.51
CA ILE A 222 17.07 -20.00 9.40
C ILE A 222 17.79 -21.36 9.28
N ARG A 223 19.14 -21.37 9.30
CA ARG A 223 19.95 -22.58 9.20
C ARG A 223 19.68 -23.54 10.34
N ALA A 224 19.57 -23.02 11.57
CA ALA A 224 19.32 -23.79 12.80
C ALA A 224 17.94 -24.47 12.77
N LYS A 225 16.91 -23.70 12.46
CA LYS A 225 15.50 -24.17 12.36
C LYS A 225 15.32 -25.16 11.22
N ILE A 226 15.99 -24.90 10.07
CA ILE A 226 15.96 -25.82 8.93
C ILE A 226 16.66 -27.14 9.33
N LYS A 227 17.74 -27.04 10.12
CA LYS A 227 18.49 -28.21 10.61
C LYS A 227 17.71 -29.15 11.54
N LYS A 228 16.99 -28.58 12.54
CA LYS A 228 16.16 -29.32 13.53
C LYS A 228 14.82 -29.83 12.92
N ALA A 229 14.38 -29.25 11.81
CA ALA A 229 13.10 -29.57 11.18
C ALA A 229 12.83 -31.03 10.77
N TYR A 230 11.56 -31.39 10.86
CA TYR A 230 10.98 -32.67 10.45
C TYR A 230 11.15 -32.75 8.92
N CYS A 231 11.84 -33.78 8.43
CA CYS A 231 12.14 -33.94 6.99
C CYS A 231 12.69 -35.37 6.77
N PRO A 232 11.92 -36.43 7.04
CA PRO A 232 12.46 -37.79 6.83
C PRO A 232 12.65 -38.04 5.34
N ALA A 233 13.52 -38.97 4.99
CA ALA A 233 13.82 -39.27 3.60
C ALA A 233 12.64 -39.84 2.84
N GLY A 234 12.51 -39.44 1.59
CA GLY A 234 11.45 -39.94 0.71
C GLY A 234 10.05 -39.42 0.93
N VAL A 235 9.75 -38.83 2.09
CA VAL A 235 8.42 -38.30 2.37
C VAL A 235 8.25 -36.83 1.87
N VAL A 236 7.17 -36.58 1.13
CA VAL A 236 6.83 -35.27 0.56
C VAL A 236 5.63 -34.67 1.30
N GLU A 237 4.59 -35.51 1.54
CA GLU A 237 3.35 -35.09 2.18
C GLU A 237 3.57 -34.65 3.64
N GLY A 238 3.22 -33.40 3.94
CA GLY A 238 3.37 -32.78 5.24
C GLY A 238 4.82 -32.53 5.64
N ASN A 239 5.76 -32.53 4.66
CA ASN A 239 7.18 -32.29 4.88
C ASN A 239 7.33 -30.77 4.78
N PRO A 240 7.64 -30.06 5.89
CA PRO A 240 7.70 -28.59 5.85
C PRO A 240 8.81 -28.03 4.99
N ILE A 241 9.91 -28.81 4.84
CA ILE A 241 11.08 -28.45 4.06
C ILE A 241 10.67 -28.45 2.62
N MET A 242 9.98 -29.51 2.20
CA MET A 242 9.43 -29.65 0.85
C MET A 242 8.43 -28.56 0.53
N GLU A 243 7.58 -28.16 1.52
CA GLU A 243 6.56 -27.10 1.34
C GLU A 243 7.15 -25.71 1.08
N ILE A 244 8.24 -25.38 1.79
CA ILE A 244 8.99 -24.15 1.63
C ILE A 244 9.58 -24.17 0.25
N ALA A 245 10.04 -25.35 -0.19
CA ALA A 245 10.65 -25.49 -1.51
C ALA A 245 9.61 -25.29 -2.63
N LYS A 246 8.39 -25.77 -2.42
CA LYS A 246 7.26 -25.61 -3.34
C LYS A 246 6.82 -24.13 -3.49
N TYR A 247 6.52 -23.52 -2.38
CA TYR A 247 5.93 -22.19 -2.28
C TYR A 247 6.84 -20.97 -2.36
N PHE A 248 8.08 -21.12 -1.93
CA PHE A 248 8.97 -19.96 -1.87
C PHE A 248 10.13 -19.95 -2.85
N LEU A 249 10.61 -21.12 -3.31
CA LEU A 249 11.79 -21.14 -4.20
C LEU A 249 11.56 -20.91 -5.70
N GLU A 250 12.56 -20.29 -6.39
CA GLU A 250 12.54 -20.01 -7.83
C GLU A 250 13.28 -21.12 -8.54
N TYR A 251 12.70 -21.60 -9.65
CA TYR A 251 13.26 -22.72 -10.45
C TYR A 251 13.55 -22.30 -11.88
N PRO A 252 14.56 -22.87 -12.59
CA PRO A 252 15.55 -23.90 -12.16
C PRO A 252 16.40 -23.51 -10.95
N LEU A 253 16.81 -24.51 -10.18
CA LEU A 253 17.58 -24.37 -8.95
C LEU A 253 18.77 -25.30 -8.99
N THR A 254 19.85 -24.97 -8.30
CA THR A 254 21.00 -25.85 -8.20
C THR A 254 21.39 -26.08 -6.74
N ILE A 255 21.42 -27.37 -6.35
CA ILE A 255 21.76 -27.84 -5.02
C ILE A 255 23.28 -28.11 -4.99
N LYS A 256 24.04 -27.25 -4.29
CA LYS A 256 25.48 -27.35 -4.15
C LYS A 256 25.77 -28.36 -3.05
N ARG A 257 26.02 -29.62 -3.46
CA ARG A 257 26.29 -30.73 -2.56
C ARG A 257 27.73 -31.30 -2.75
N PRO A 258 28.30 -32.11 -1.82
CA PRO A 258 29.65 -32.65 -2.06
C PRO A 258 29.69 -33.64 -3.24
N GLU A 259 30.80 -33.59 -4.02
CA GLU A 259 31.06 -34.42 -5.21
C GLU A 259 31.02 -35.93 -4.92
N LYS A 260 31.43 -36.33 -3.72
CA LYS A 260 31.44 -37.73 -3.29
C LYS A 260 30.04 -38.18 -2.85
N PHE A 261 29.18 -37.22 -2.42
CA PHE A 261 27.80 -37.46 -1.99
C PHE A 261 26.80 -37.56 -3.16
N GLY A 262 27.29 -37.43 -4.39
CA GLY A 262 26.49 -37.49 -5.61
C GLY A 262 26.76 -36.41 -6.64
N GLY A 263 27.63 -35.45 -6.31
CA GLY A 263 27.99 -34.37 -7.23
C GLY A 263 27.35 -33.04 -6.92
N ASP A 264 26.49 -32.57 -7.84
CA ASP A 264 25.75 -31.32 -7.79
C ASP A 264 24.49 -31.54 -8.63
N LEU A 265 23.32 -31.45 -7.98
CA LEU A 265 22.04 -31.66 -8.65
C LEU A 265 21.41 -30.33 -8.98
N THR A 266 21.08 -30.13 -10.27
CA THR A 266 20.39 -28.94 -10.72
C THR A 266 18.96 -29.40 -10.97
N VAL A 267 18.02 -28.75 -10.27
CA VAL A 267 16.59 -29.07 -10.23
C VAL A 267 15.77 -28.10 -11.07
N ASN A 268 15.14 -28.59 -12.14
CA ASN A 268 14.32 -27.80 -13.08
C ASN A 268 13.05 -27.21 -12.48
N SER A 269 12.40 -27.96 -11.58
CA SER A 269 11.11 -27.57 -10.98
C SER A 269 10.93 -28.18 -9.58
N TYR A 270 9.86 -27.77 -8.86
CA TYR A 270 9.54 -28.32 -7.54
C TYR A 270 9.29 -29.85 -7.69
N GLU A 271 8.47 -30.21 -8.68
CA GLU A 271 8.07 -31.59 -9.02
C GLU A 271 9.31 -32.43 -9.35
N GLU A 272 10.38 -31.80 -9.89
CA GLU A 272 11.62 -32.53 -10.10
C GLU A 272 12.24 -32.79 -8.72
N LEU A 273 12.27 -31.79 -7.84
CA LEU A 273 12.77 -31.92 -6.47
C LEU A 273 11.99 -33.01 -5.68
N GLU A 274 10.67 -33.09 -5.96
CA GLU A 274 9.71 -34.02 -5.41
C GLU A 274 10.08 -35.47 -5.77
N SER A 275 10.17 -35.79 -7.09
CA SER A 275 10.51 -37.13 -7.55
C SER A 275 11.92 -37.53 -7.15
N LEU A 276 12.85 -36.57 -7.07
CA LEU A 276 14.23 -36.82 -6.63
C LEU A 276 14.22 -37.16 -5.14
N PHE A 277 13.41 -36.41 -4.33
CA PHE A 277 13.30 -36.64 -2.90
C PHE A 277 12.63 -37.99 -2.56
N LYS A 278 11.41 -38.24 -3.12
CA LYS A 278 10.62 -39.47 -2.98
C LYS A 278 11.39 -40.75 -3.37
N ASN A 279 12.34 -40.62 -4.32
CA ASN A 279 13.14 -41.72 -4.84
C ASN A 279 14.57 -41.77 -4.27
N LYS A 280 14.77 -41.33 -3.01
CA LYS A 280 16.06 -41.36 -2.26
C LYS A 280 17.30 -40.74 -2.92
N GLU A 281 17.15 -40.22 -4.17
CA GLU A 281 18.23 -39.57 -4.92
C GLU A 281 18.75 -38.28 -4.25
N LEU A 282 17.91 -37.60 -3.46
CA LEU A 282 18.33 -36.40 -2.76
C LEU A 282 18.17 -36.61 -1.27
N HIS A 283 19.30 -36.59 -0.53
CA HIS A 283 19.28 -36.77 0.93
C HIS A 283 18.72 -35.55 1.69
N PRO A 284 17.97 -35.75 2.82
CA PRO A 284 17.41 -34.60 3.56
C PRO A 284 18.38 -33.49 3.91
N MET A 285 19.64 -33.85 4.29
CA MET A 285 20.70 -32.91 4.65
C MET A 285 20.99 -31.94 3.50
N ASP A 286 21.12 -32.49 2.28
CA ASP A 286 21.38 -31.76 1.02
C ASP A 286 20.16 -30.90 0.71
N LEU A 287 18.95 -31.44 0.88
CA LEU A 287 17.75 -30.65 0.66
C LEU A 287 17.71 -29.47 1.65
N LYS A 288 18.02 -29.75 2.93
CA LYS A 288 18.02 -28.76 4.00
C LYS A 288 18.95 -27.60 3.71
N ASN A 289 20.20 -27.93 3.32
CA ASN A 289 21.26 -26.98 3.04
C ASN A 289 20.87 -26.02 1.91
N ALA A 290 20.35 -26.56 0.79
CA ALA A 290 19.85 -25.81 -0.36
C ALA A 290 18.66 -24.96 0.03
N VAL A 291 17.72 -25.52 0.82
CA VAL A 291 16.53 -24.75 1.20
C VAL A 291 16.89 -23.58 2.09
N ALA A 292 17.80 -23.81 3.08
CA ALA A 292 18.26 -22.80 4.01
C ALA A 292 18.91 -21.64 3.26
N GLU A 293 19.85 -21.94 2.37
CA GLU A 293 20.56 -20.94 1.57
C GLU A 293 19.68 -20.13 0.63
N GLU A 294 18.70 -20.79 0.00
CA GLU A 294 17.76 -20.11 -0.90
C GLU A 294 16.82 -19.22 -0.10
N LEU A 295 16.28 -19.74 1.02
CA LEU A 295 15.40 -18.95 1.88
C LEU A 295 16.10 -17.66 2.36
N ILE A 296 17.39 -17.77 2.79
CA ILE A 296 18.24 -16.65 3.24
C ILE A 296 18.28 -15.56 2.17
N LYS A 297 18.39 -15.94 0.88
CA LYS A 297 18.43 -15.00 -0.26
C LYS A 297 17.09 -14.32 -0.54
N ILE A 298 15.97 -15.08 -0.41
CA ILE A 298 14.61 -14.57 -0.64
C ILE A 298 14.17 -13.57 0.44
N LEU A 299 14.48 -13.84 1.72
CA LEU A 299 14.06 -12.90 2.77
C LEU A 299 15.06 -11.82 3.16
N GLU A 300 16.27 -11.86 2.54
CA GLU A 300 17.38 -10.90 2.70
C GLU A 300 16.90 -9.44 2.62
N PRO A 301 16.04 -9.05 1.63
CA PRO A 301 15.53 -7.67 1.61
C PRO A 301 14.60 -7.35 2.76
N ILE A 302 13.69 -8.28 3.11
CA ILE A 302 12.74 -8.09 4.21
C ILE A 302 13.54 -7.82 5.50
N ARG A 303 14.37 -8.78 5.89
CA ARG A 303 15.29 -8.74 7.02
C ARG A 303 16.08 -7.38 7.05
N LYS A 304 16.81 -7.05 5.95
CA LYS A 304 17.61 -5.83 5.74
C LYS A 304 16.85 -4.56 6.06
N ARG A 305 15.59 -4.45 5.59
CA ARG A 305 14.71 -3.30 5.81
C ARG A 305 14.36 -3.07 7.27
N LEU A 306 14.12 -4.18 8.00
CA LEU A 306 13.68 -4.16 9.39
C LEU A 306 14.75 -3.87 10.45
N LEU A 307 15.68 -2.93 10.15
CA LEU A 307 16.77 -2.45 11.03
C LEU A 307 17.50 -1.24 10.43
N ASP B 2 0.60 15.42 -26.84
CA ASP B 2 0.37 16.86 -26.66
C ASP B 2 -1.01 17.20 -26.10
N GLU B 3 -1.18 18.46 -25.66
CA GLU B 3 -2.39 19.06 -25.13
C GLU B 3 -3.05 18.22 -24.04
N PHE B 4 -4.08 17.42 -24.38
CA PHE B 4 -4.76 16.52 -23.44
C PHE B 4 -3.83 15.43 -22.99
N GLU B 5 -3.07 14.88 -23.94
CA GLU B 5 -2.09 13.80 -23.73
C GLU B 5 -0.97 14.20 -22.78
N MET B 6 -0.50 15.48 -22.87
CA MET B 6 0.54 16.04 -22.02
C MET B 6 0.01 16.23 -20.59
N ILE B 7 -1.31 16.49 -20.44
CA ILE B 7 -1.99 16.66 -19.16
C ILE B 7 -2.36 15.31 -18.55
N LYS B 8 -3.04 14.46 -19.33
CA LYS B 8 -3.41 13.10 -18.95
C LYS B 8 -2.16 12.29 -18.49
N ARG B 9 -0.93 12.75 -18.87
CA ARG B 9 0.37 12.13 -18.55
C ARG B 9 0.82 12.15 -17.06
N ASN B 10 0.99 10.95 -16.45
CA ASN B 10 1.43 10.75 -15.06
C ASN B 10 0.40 11.08 -13.98
N THR B 11 -0.92 11.10 -14.35
CA THR B 11 -2.08 11.26 -13.45
C THR B 11 -2.69 9.83 -13.17
N SER B 12 -3.26 9.57 -11.98
CA SER B 12 -3.91 8.30 -11.64
C SER B 12 -5.31 8.21 -12.23
N GLU B 13 -5.98 9.35 -12.33
CA GLU B 13 -7.32 9.49 -12.90
C GLU B 13 -7.71 10.94 -13.12
N ILE B 14 -8.61 11.11 -14.08
CA ILE B 14 -9.20 12.38 -14.45
C ILE B 14 -10.70 12.14 -14.43
N ILE B 15 -11.38 12.93 -13.59
CA ILE B 15 -12.83 12.92 -13.47
C ILE B 15 -13.31 14.29 -14.02
N SER B 16 -13.72 14.37 -15.34
CA SER B 16 -13.73 13.29 -16.35
C SER B 16 -12.84 13.69 -17.55
N GLU B 17 -12.55 12.74 -18.45
CA GLU B 17 -11.75 12.95 -19.68
C GLU B 17 -12.47 13.81 -20.69
N GLU B 18 -13.70 13.41 -21.02
CA GLU B 18 -14.60 14.10 -21.95
C GLU B 18 -14.97 15.48 -21.39
N GLU B 19 -14.96 15.63 -20.03
CA GLU B 19 -15.23 16.95 -19.46
C GLU B 19 -14.03 17.82 -19.70
N LEU B 20 -12.83 17.24 -19.55
CA LEU B 20 -11.58 17.97 -19.79
C LEU B 20 -11.43 18.42 -21.24
N ARG B 21 -11.84 17.60 -22.22
CA ARG B 21 -11.81 18.00 -23.66
C ARG B 21 -12.77 19.18 -23.94
N GLU B 22 -13.85 19.29 -23.14
CA GLU B 22 -14.79 20.38 -23.14
C GLU B 22 -14.05 21.63 -22.63
N VAL B 23 -13.27 21.49 -21.52
CA VAL B 23 -12.49 22.60 -20.93
C VAL B 23 -11.39 23.10 -21.88
N LEU B 24 -10.60 22.16 -22.42
CA LEU B 24 -9.51 22.45 -23.35
C LEU B 24 -9.95 23.37 -24.53
N LYS B 25 -11.22 23.21 -25.02
CA LYS B 25 -11.81 24.00 -26.11
C LYS B 25 -12.02 25.50 -25.76
N LYS B 26 -12.05 25.83 -24.45
CA LYS B 26 -12.28 27.21 -24.00
C LYS B 26 -11.04 28.08 -24.15
N ASP B 27 -11.24 29.40 -24.37
CA ASP B 27 -10.17 30.37 -24.50
C ASP B 27 -9.66 30.79 -23.12
N GLU B 28 -10.58 30.86 -22.13
CA GLU B 28 -10.24 31.17 -20.75
C GLU B 28 -10.44 29.90 -19.91
N LYS B 29 -9.40 29.48 -19.19
CA LYS B 29 -9.44 28.30 -18.33
C LYS B 29 -8.59 28.49 -17.09
N SER B 30 -9.10 27.95 -15.97
CA SER B 30 -8.49 28.10 -14.65
CA SER B 30 -8.44 28.09 -14.67
C SER B 30 -8.30 26.77 -13.94
N ALA B 31 -7.19 26.64 -13.18
CA ALA B 31 -6.86 25.47 -12.41
C ALA B 31 -6.30 25.80 -11.04
N LEU B 32 -6.72 25.03 -10.03
CA LEU B 32 -6.19 25.20 -8.71
C LEU B 32 -5.72 23.87 -8.15
N ILE B 33 -4.84 24.02 -7.20
CA ILE B 33 -4.38 23.03 -6.30
C ILE B 33 -4.22 23.77 -4.98
N GLY B 34 -4.54 23.12 -3.90
CA GLY B 34 -4.31 23.66 -2.58
C GLY B 34 -3.48 22.69 -1.77
N PHE B 35 -2.71 23.24 -0.82
CA PHE B 35 -1.90 22.45 0.10
C PHE B 35 -1.99 23.04 1.49
N GLU B 36 -2.11 22.18 2.49
CA GLU B 36 -2.07 22.63 3.88
C GLU B 36 -0.59 23.00 4.11
N PRO B 37 -0.20 24.20 4.57
CA PRO B 37 1.23 24.48 4.78
C PRO B 37 1.99 23.36 5.52
N SER B 38 3.19 23.04 5.05
CA SER B 38 4.06 22.01 5.61
C SER B 38 5.48 22.57 5.67
N GLY B 39 6.11 22.44 6.84
CA GLY B 39 7.48 22.86 7.14
C GLY B 39 8.49 22.31 6.13
N LYS B 40 8.29 21.05 5.68
CA LYS B 40 9.13 20.48 4.65
C LYS B 40 8.33 20.21 3.38
N ILE B 41 8.83 20.72 2.25
CA ILE B 41 8.24 20.47 0.94
C ILE B 41 9.02 19.37 0.26
N HIS B 42 8.39 18.22 0.00
CA HIS B 42 9.03 17.05 -0.53
C HIS B 42 8.69 16.78 -2.01
N LEU B 43 9.11 15.59 -2.54
CA LEU B 43 8.86 15.12 -3.91
C LEU B 43 7.38 14.89 -4.20
N GLY B 44 6.58 14.63 -3.16
CA GLY B 44 5.15 14.47 -3.34
C GLY B 44 4.53 15.78 -3.79
N HIS B 45 4.99 16.90 -3.18
CA HIS B 45 4.56 18.23 -3.54
C HIS B 45 5.05 18.61 -4.96
N TYR B 46 6.35 18.38 -5.27
CA TYR B 46 6.96 18.73 -6.57
C TYR B 46 6.23 18.08 -7.77
N LEU B 47 5.88 16.78 -7.62
CA LEU B 47 5.17 15.99 -8.62
C LEU B 47 3.91 16.71 -9.07
N GLN B 48 3.18 17.26 -8.10
CA GLN B 48 1.93 17.99 -8.27
C GLN B 48 2.13 19.34 -8.92
N ILE B 49 3.17 20.06 -8.50
CA ILE B 49 3.57 21.35 -9.08
C ILE B 49 3.89 21.16 -10.54
N LYS B 50 4.67 20.10 -10.91
CA LYS B 50 5.04 19.78 -12.29
C LYS B 50 3.74 19.63 -13.08
N LYS B 51 2.70 18.98 -12.49
CA LYS B 51 1.39 18.88 -13.10
C LYS B 51 0.75 20.26 -13.33
N MET B 52 0.90 21.20 -12.39
CA MET B 52 0.40 22.59 -12.57
C MET B 52 1.12 23.26 -13.73
N ILE B 53 2.46 23.17 -13.79
CA ILE B 53 3.33 23.63 -14.87
C ILE B 53 2.79 23.15 -16.25
N ASP B 54 2.42 21.86 -16.31
CA ASP B 54 1.81 21.20 -17.48
C ASP B 54 0.48 21.87 -17.82
N LEU B 55 -0.36 22.18 -16.81
CA LEU B 55 -1.62 22.85 -17.05
C LEU B 55 -1.35 24.32 -17.47
N GLN B 56 -0.36 24.96 -16.81
CA GLN B 56 0.07 26.33 -17.11
C GLN B 56 0.51 26.45 -18.56
N ASN B 57 1.36 25.50 -19.05
CA ASN B 57 1.83 25.47 -20.45
C ASN B 57 0.70 25.15 -21.46
N ALA B 58 -0.44 24.58 -20.98
CA ALA B 58 -1.61 24.25 -21.81
C ALA B 58 -2.62 25.41 -21.92
N GLY B 59 -2.31 26.57 -21.32
CA GLY B 59 -3.20 27.73 -21.39
C GLY B 59 -4.00 28.05 -20.15
N PHE B 60 -3.97 27.16 -19.13
CA PHE B 60 -4.65 27.34 -17.85
C PHE B 60 -3.99 28.41 -17.00
N ASP B 61 -4.83 29.21 -16.32
CA ASP B 61 -4.36 30.18 -15.34
C ASP B 61 -4.31 29.36 -14.07
N ILE B 62 -3.17 29.39 -13.39
CA ILE B 62 -2.95 28.60 -12.18
C ILE B 62 -3.11 29.39 -10.91
N ILE B 63 -3.86 28.80 -9.96
CA ILE B 63 -4.07 29.30 -8.62
C ILE B 63 -3.54 28.24 -7.66
N ILE B 64 -2.72 28.68 -6.71
CA ILE B 64 -2.22 27.82 -5.65
C ILE B 64 -2.83 28.34 -4.36
N VAL B 65 -3.53 27.47 -3.66
CA VAL B 65 -4.11 27.83 -2.38
C VAL B 65 -3.20 27.35 -1.25
N LEU B 66 -2.64 28.32 -0.50
CA LEU B 66 -1.86 28.00 0.69
C LEU B 66 -2.97 27.93 1.75
N ALA B 67 -3.42 26.68 2.05
CA ALA B 67 -4.57 26.43 2.91
C ALA B 67 -4.26 26.44 4.40
N ASP B 68 -3.91 27.65 4.89
CA ASP B 68 -3.54 27.87 6.29
C ASP B 68 -4.71 27.64 7.24
N LEU B 69 -5.91 27.94 6.74
CA LEU B 69 -7.12 27.75 7.53
C LEU B 69 -7.48 26.26 7.71
N HIS B 70 -7.30 25.45 6.64
CA HIS B 70 -7.54 24.02 6.61
C HIS B 70 -6.58 23.28 7.53
N ALA B 71 -5.30 23.66 7.51
CA ALA B 71 -4.27 23.12 8.38
C ALA B 71 -4.63 23.51 9.82
N TYR B 72 -5.06 24.77 10.06
CA TYR B 72 -5.51 25.20 11.40
C TYR B 72 -6.62 24.23 11.93
N LEU B 73 -7.61 23.97 11.06
CA LEU B 73 -8.75 23.12 11.28
C LEU B 73 -8.33 21.66 11.44
N ASN B 74 -7.22 21.27 10.77
CA ASN B 74 -6.66 19.92 10.81
C ASN B 74 -5.56 19.81 11.87
N GLN B 75 -5.66 20.66 12.93
CA GLN B 75 -4.79 20.71 14.13
C GLN B 75 -3.27 20.75 13.87
N LYS B 76 -2.84 21.49 12.83
CA LYS B 76 -1.42 21.62 12.50
C LYS B 76 -0.75 22.68 13.38
N GLY B 77 -1.55 23.42 14.16
CA GLY B 77 -1.03 24.44 15.08
C GLY B 77 -1.72 25.78 15.01
N GLU B 78 -1.03 26.83 15.44
CA GLU B 78 -1.58 28.17 15.47
C GLU B 78 -1.61 28.84 14.10
N LEU B 79 -2.69 29.59 13.81
CA LEU B 79 -2.95 30.33 12.58
C LEU B 79 -1.79 31.20 12.08
N ASP B 80 -1.16 31.97 12.99
CA ASP B 80 -0.06 32.86 12.61
C ASP B 80 1.20 32.06 12.26
N GLU B 81 1.47 30.98 13.00
CA GLU B 81 2.61 30.09 12.78
C GLU B 81 2.48 29.35 11.44
N ILE B 82 1.21 28.97 11.10
CA ILE B 82 0.91 28.25 9.86
C ILE B 82 1.05 29.16 8.61
N ARG B 83 0.69 30.44 8.74
CA ARG B 83 0.83 31.41 7.66
C ARG B 83 2.30 31.64 7.35
N LYS B 84 3.18 31.67 8.39
CA LYS B 84 4.62 31.83 8.20
C LYS B 84 5.15 30.61 7.46
N ILE B 85 4.71 29.37 7.82
CA ILE B 85 5.07 28.15 7.12
C ILE B 85 4.61 28.31 5.65
N GLY B 86 3.41 28.83 5.46
CA GLY B 86 2.83 29.12 4.15
C GLY B 86 3.62 30.15 3.36
N ASP B 87 4.28 31.12 4.05
CA ASP B 87 5.11 32.12 3.36
C ASP B 87 6.30 31.38 2.73
N TYR B 88 6.89 30.43 3.50
CA TYR B 88 8.04 29.62 3.08
C TYR B 88 7.65 28.73 1.89
N ASN B 89 6.44 28.15 1.93
CA ASN B 89 5.90 27.28 0.89
C ASN B 89 5.77 28.00 -0.43
N LYS B 90 5.18 29.20 -0.43
CA LYS B 90 5.11 30.07 -1.62
C LYS B 90 6.50 30.21 -2.30
N LYS B 91 7.55 30.47 -1.49
CA LYS B 91 8.92 30.66 -1.95
C LYS B 91 9.49 29.43 -2.63
N VAL B 92 9.21 28.23 -2.06
CA VAL B 92 9.58 26.92 -2.57
C VAL B 92 8.88 26.67 -3.91
N PHE B 93 7.56 26.89 -3.98
CA PHE B 93 6.76 26.68 -5.19
C PHE B 93 7.15 27.69 -6.25
N GLU B 94 7.53 28.93 -5.88
CA GLU B 94 8.03 29.83 -6.91
C GLU B 94 9.35 29.22 -7.41
N ALA B 95 10.27 28.81 -6.49
CA ALA B 95 11.56 28.18 -6.86
C ALA B 95 11.43 26.97 -7.82
N MET B 96 10.26 26.33 -7.85
CA MET B 96 9.98 25.15 -8.66
C MET B 96 9.72 25.42 -10.15
N GLY B 97 9.81 26.70 -10.54
CA GLY B 97 9.63 27.16 -11.91
C GLY B 97 8.19 27.28 -12.36
N LEU B 98 7.37 27.90 -11.50
CA LEU B 98 5.93 28.08 -11.72
C LEU B 98 5.37 29.51 -11.63
N LYS B 99 4.70 30.01 -12.72
CA LYS B 99 4.03 31.31 -12.58
C LYS B 99 2.56 31.06 -12.31
N ALA B 100 2.11 31.47 -11.11
CA ALA B 100 0.76 31.23 -10.62
C ALA B 100 0.35 32.31 -9.63
N LYS B 101 -0.98 32.51 -9.46
CA LYS B 101 -1.53 33.38 -8.40
C LYS B 101 -1.50 32.51 -7.10
N TYR B 102 -0.81 33.01 -6.06
CA TYR B 102 -0.73 32.35 -4.77
C TYR B 102 -1.69 33.05 -3.89
N VAL B 103 -2.58 32.28 -3.27
CA VAL B 103 -3.64 32.84 -2.47
C VAL B 103 -3.81 32.10 -1.12
N TYR B 104 -3.81 32.85 -0.02
CA TYR B 104 -3.96 32.29 1.32
C TYR B 104 -5.42 32.01 1.65
N GLY B 105 -5.66 30.85 2.27
CA GLY B 105 -6.99 30.48 2.72
C GLY B 105 -7.61 31.57 3.57
N SER B 106 -6.90 31.97 4.64
CA SER B 106 -7.29 33.03 5.60
C SER B 106 -7.56 34.42 4.96
N GLU B 107 -6.97 34.66 3.78
CA GLU B 107 -7.08 35.85 2.93
C GLU B 107 -8.50 36.01 2.36
N TRP B 108 -9.22 34.89 2.09
CA TRP B 108 -10.60 35.01 1.58
C TRP B 108 -11.64 33.99 2.00
N MET B 109 -11.24 32.92 2.70
CA MET B 109 -12.17 31.91 3.22
C MET B 109 -12.94 32.41 4.45
N LEU B 110 -12.77 33.72 4.82
CA LEU B 110 -13.50 34.35 5.95
C LEU B 110 -14.44 35.47 5.45
N ASP B 111 -14.41 35.74 4.14
CA ASP B 111 -15.27 36.73 3.52
C ASP B 111 -16.72 36.25 3.60
N LYS B 112 -17.65 37.18 3.87
CA LYS B 112 -19.09 36.94 4.05
C LYS B 112 -19.67 36.02 2.98
N ASP B 113 -19.36 36.31 1.71
CA ASP B 113 -19.78 35.53 0.54
C ASP B 113 -19.31 34.06 0.56
N TYR B 114 -18.06 33.80 1.04
CA TYR B 114 -17.47 32.43 1.15
C TYR B 114 -18.22 31.69 2.27
N THR B 115 -18.17 32.25 3.49
CA THR B 115 -18.83 31.75 4.71
C THR B 115 -20.31 31.43 4.46
N LEU B 116 -21.04 32.36 3.81
CA LEU B 116 -22.45 32.12 3.46
C LEU B 116 -22.64 30.82 2.64
N ASN B 117 -21.79 30.58 1.62
CA ASN B 117 -21.93 29.37 0.81
C ASN B 117 -21.50 28.06 1.50
N VAL B 118 -20.57 28.16 2.46
CA VAL B 118 -20.08 27.07 3.28
C VAL B 118 -21.26 26.50 4.09
N TYR B 119 -22.06 27.41 4.70
CA TYR B 119 -23.28 27.07 5.45
C TYR B 119 -24.29 26.42 4.52
N ARG B 120 -24.45 26.96 3.31
CA ARG B 120 -25.35 26.34 2.32
C ARG B 120 -24.98 24.88 2.11
N LEU B 121 -23.65 24.62 1.95
CA LEU B 121 -23.07 23.31 1.70
C LEU B 121 -23.18 22.37 2.88
N ALA B 122 -23.11 22.92 4.13
CA ALA B 122 -23.23 22.17 5.39
C ALA B 122 -24.61 21.52 5.49
N LEU B 123 -25.64 22.21 4.96
CA LEU B 123 -27.04 21.77 4.92
C LEU B 123 -27.23 20.61 3.95
N LYS B 124 -26.41 20.60 2.88
CA LYS B 124 -26.44 19.59 1.81
C LYS B 124 -25.54 18.41 2.15
N THR B 125 -24.52 18.61 3.03
CA THR B 125 -23.57 17.58 3.40
C THR B 125 -23.93 16.85 4.68
N THR B 126 -23.99 15.50 4.60
CA THR B 126 -24.26 14.63 5.75
C THR B 126 -22.96 14.53 6.59
N LEU B 127 -23.11 14.35 7.91
CA LEU B 127 -21.91 14.19 8.74
C LEU B 127 -21.09 12.96 8.30
N LYS B 128 -21.78 11.87 7.87
CA LYS B 128 -21.15 10.62 7.39
C LYS B 128 -20.29 10.83 6.13
N ARG B 129 -20.82 11.51 5.10
CA ARG B 129 -20.05 11.80 3.89
C ARG B 129 -18.85 12.71 4.18
N ALA B 130 -19.02 13.73 5.07
CA ALA B 130 -17.92 14.65 5.46
C ALA B 130 -16.85 13.89 6.27
N ARG B 131 -17.30 13.09 7.26
CA ARG B 131 -16.42 12.24 8.08
C ARG B 131 -15.61 11.28 7.24
N ARG B 132 -16.25 10.68 6.21
CA ARG B 132 -15.62 9.72 5.30
C ARG B 132 -14.69 10.33 4.27
N SER B 133 -15.04 11.52 3.73
CA SER B 133 -14.19 12.29 2.82
C SER B 133 -12.83 12.61 3.46
N MET B 134 -12.77 12.67 4.80
CA MET B 134 -11.57 12.99 5.62
C MET B 134 -10.72 11.82 6.11
N GLU B 135 -11.14 10.53 5.93
CA GLU B 135 -10.36 9.37 6.45
C GLU B 135 -8.85 9.42 6.15
N LEU B 136 -8.49 9.73 4.91
CA LEU B 136 -7.07 9.81 4.51
C LEU B 136 -6.47 11.19 4.74
N ILE B 137 -7.24 12.13 5.35
CA ILE B 137 -6.74 13.48 5.52
C ILE B 137 -6.56 13.88 6.95
N ALA B 138 -7.57 13.60 7.77
CA ALA B 138 -7.61 13.98 9.19
C ALA B 138 -6.46 13.46 10.03
N ARG B 139 -5.95 14.36 10.89
CA ARG B 139 -4.92 14.07 11.90
C ARG B 139 -5.63 13.19 12.93
N GLU B 140 -5.06 12.00 13.21
CA GLU B 140 -5.66 11.02 14.12
C GLU B 140 -6.08 11.58 15.48
N ASP B 141 -7.40 11.67 15.72
CA ASP B 141 -7.99 12.23 16.94
C ASP B 141 -8.90 11.19 17.59
N GLU B 142 -8.69 11.01 18.90
CA GLU B 142 -9.40 10.07 19.76
C GLU B 142 -10.84 10.49 20.04
N ASN B 143 -11.15 11.80 19.84
CA ASN B 143 -12.46 12.43 20.02
C ASN B 143 -12.66 13.43 18.86
N PRO B 144 -13.23 12.97 17.72
CA PRO B 144 -13.35 13.84 16.54
C PRO B 144 -14.02 15.19 16.77
N LYS B 145 -13.37 16.23 16.26
CA LYS B 145 -13.82 17.61 16.41
C LYS B 145 -14.73 18.06 15.29
N VAL B 146 -15.58 19.05 15.57
CA VAL B 146 -16.48 19.71 14.59
C VAL B 146 -15.67 20.26 13.40
N ALA B 147 -14.41 20.74 13.63
CA ALA B 147 -13.49 21.27 12.57
C ALA B 147 -13.26 20.28 11.42
N GLU B 148 -13.32 18.95 11.72
CA GLU B 148 -13.10 17.81 10.82
C GLU B 148 -14.08 17.78 9.66
N VAL B 149 -15.36 18.07 9.95
CA VAL B 149 -16.45 18.08 8.96
C VAL B 149 -16.61 19.44 8.29
N ILE B 150 -16.02 20.52 8.84
CA ILE B 150 -16.04 21.87 8.20
C ILE B 150 -15.01 21.87 7.07
N TYR B 151 -13.85 21.28 7.38
CA TYR B 151 -12.72 21.12 6.45
C TYR B 151 -13.17 20.67 5.04
N PRO B 152 -13.87 19.52 4.78
CA PRO B 152 -14.22 19.20 3.39
C PRO B 152 -15.07 20.26 2.71
N ILE B 153 -16.12 20.77 3.36
CA ILE B 153 -17.01 21.77 2.79
C ILE B 153 -16.35 23.13 2.42
N MET B 154 -15.28 23.48 3.11
CA MET B 154 -14.52 24.68 2.83
C MET B 154 -13.61 24.44 1.65
N GLN B 155 -13.16 23.20 1.49
CA GLN B 155 -12.29 22.83 0.38
C GLN B 155 -13.15 22.83 -0.89
N VAL B 156 -14.33 22.16 -0.83
CA VAL B 156 -15.35 22.10 -1.90
C VAL B 156 -15.69 23.53 -2.42
N ASN B 157 -15.92 24.49 -1.50
CA ASN B 157 -16.28 25.86 -1.82
C ASN B 157 -15.20 26.72 -2.43
N GLY B 158 -13.92 26.32 -2.23
CA GLY B 158 -12.78 27.04 -2.78
C GLY B 158 -12.78 26.97 -4.28
N ALA B 159 -13.13 25.79 -4.82
CA ALA B 159 -13.24 25.52 -6.26
C ALA B 159 -14.33 26.36 -6.88
N HIS B 160 -15.42 26.59 -6.11
CA HIS B 160 -16.57 27.40 -6.49
C HIS B 160 -16.20 28.89 -6.40
N TYR B 161 -15.68 29.32 -5.22
CA TYR B 161 -15.34 30.71 -4.97
C TYR B 161 -14.33 31.27 -5.95
N LEU B 162 -13.37 30.41 -6.41
CA LEU B 162 -12.34 30.76 -7.36
C LEU B 162 -12.75 30.61 -8.81
N GLY B 163 -13.83 29.89 -9.08
CA GLY B 163 -14.35 29.74 -10.44
C GLY B 163 -13.51 28.88 -11.37
N VAL B 164 -12.66 28.01 -10.78
CA VAL B 164 -11.80 27.09 -11.52
C VAL B 164 -12.56 26.08 -12.38
N ASP B 165 -11.96 25.66 -13.47
CA ASP B 165 -12.53 24.64 -14.35
C ASP B 165 -11.99 23.27 -13.94
N VAL B 166 -10.81 23.28 -13.31
CA VAL B 166 -10.08 22.09 -12.91
C VAL B 166 -9.56 22.25 -11.47
N ALA B 167 -9.65 21.15 -10.68
CA ALA B 167 -9.08 21.05 -9.35
C ALA B 167 -8.11 19.90 -9.40
N VAL B 168 -6.90 20.10 -8.85
CA VAL B 168 -5.84 19.13 -8.87
C VAL B 168 -5.46 18.83 -7.44
N GLY B 169 -5.24 17.55 -7.17
CA GLY B 169 -4.83 17.05 -5.87
C GLY B 169 -4.31 15.65 -6.04
N GLY B 170 -3.83 15.09 -4.95
CA GLY B 170 -3.38 13.72 -4.95
C GLY B 170 -4.56 12.80 -4.83
N MET B 171 -4.34 11.49 -4.96
CA MET B 171 -5.41 10.47 -4.86
C MET B 171 -6.20 10.47 -3.55
N GLU B 172 -5.59 10.83 -2.43
CA GLU B 172 -6.27 10.92 -1.12
C GLU B 172 -7.37 11.99 -1.04
N GLN B 173 -7.39 12.99 -1.98
CA GLN B 173 -8.37 14.08 -2.11
C GLN B 173 -9.61 13.66 -2.89
N ARG B 174 -9.55 12.45 -3.50
CA ARG B 174 -10.59 11.83 -4.31
C ARG B 174 -11.98 12.01 -3.69
N LYS B 175 -12.17 11.70 -2.40
CA LYS B 175 -13.51 11.83 -1.76
C LYS B 175 -14.04 13.23 -1.67
N ILE B 176 -13.20 14.18 -1.28
CA ILE B 176 -13.59 15.58 -1.19
C ILE B 176 -13.92 16.12 -2.59
N HIS B 177 -13.16 15.69 -3.59
CA HIS B 177 -13.35 16.06 -5.00
C HIS B 177 -14.66 15.48 -5.58
N MET B 178 -15.06 14.28 -5.12
CA MET B 178 -16.30 13.59 -5.46
C MET B 178 -17.52 14.34 -4.87
N LEU B 179 -17.35 14.88 -3.64
CA LEU B 179 -18.30 15.69 -2.88
C LEU B 179 -18.50 17.01 -3.62
N ALA B 180 -17.38 17.66 -3.98
CA ALA B 180 -17.35 18.91 -4.76
C ALA B 180 -18.17 18.74 -6.04
N ARG B 181 -18.03 17.57 -6.72
CA ARG B 181 -18.80 17.33 -7.93
C ARG B 181 -20.31 17.10 -7.74
N GLU B 182 -20.74 16.94 -6.49
CA GLU B 182 -22.14 16.75 -6.14
C GLU B 182 -22.73 18.00 -5.55
N LEU B 183 -21.92 18.80 -4.88
CA LEU B 183 -22.46 19.99 -4.21
C LEU B 183 -22.41 21.27 -5.03
N LEU B 184 -21.59 21.33 -6.08
CA LEU B 184 -21.44 22.57 -6.85
C LEU B 184 -22.24 22.65 -8.14
N PRO B 185 -22.76 23.88 -8.48
CA PRO B 185 -23.54 24.05 -9.73
C PRO B 185 -22.72 23.76 -10.98
N LYS B 186 -21.44 24.12 -10.93
CA LYS B 186 -20.52 23.88 -12.04
C LYS B 186 -19.63 22.74 -11.65
N LYS B 187 -19.70 21.64 -12.38
CA LYS B 187 -18.85 20.49 -12.10
C LYS B 187 -17.44 20.83 -12.55
N VAL B 188 -16.45 20.66 -11.64
CA VAL B 188 -15.05 20.94 -11.95
C VAL B 188 -14.37 19.66 -12.35
N VAL B 189 -13.40 19.77 -13.25
CA VAL B 189 -12.67 18.59 -13.68
C VAL B 189 -11.64 18.34 -12.59
N CYS B 190 -11.61 17.09 -12.09
CA CYS B 190 -10.73 16.67 -11.03
C CYS B 190 -9.60 15.78 -11.52
N ILE B 191 -8.38 16.30 -11.43
CA ILE B 191 -7.19 15.57 -11.86
C ILE B 191 -6.46 15.07 -10.62
N HIS B 192 -6.24 13.74 -10.56
CA HIS B 192 -5.58 13.13 -9.41
C HIS B 192 -4.23 12.56 -9.76
N ASN B 193 -3.21 12.96 -8.98
CA ASN B 193 -1.84 12.50 -9.12
C ASN B 193 -1.64 11.29 -8.23
N PRO B 194 -0.71 10.34 -8.56
CA PRO B 194 -0.50 9.18 -7.69
C PRO B 194 0.18 9.53 -6.37
N VAL B 195 -0.02 8.67 -5.38
CA VAL B 195 0.53 8.89 -4.06
C VAL B 195 1.90 8.27 -4.06
N LEU B 196 2.94 9.11 -3.88
CA LEU B 196 4.34 8.68 -3.86
C LEU B 196 4.55 7.76 -2.68
N THR B 197 5.24 6.66 -2.89
CA THR B 197 5.54 5.75 -1.78
C THR B 197 6.69 6.37 -0.97
N GLY B 198 6.56 6.30 0.36
CA GLY B 198 7.56 6.77 1.31
C GLY B 198 8.87 6.04 1.12
N LEU B 199 9.99 6.64 1.55
CA LEU B 199 11.32 6.06 1.38
C LEU B 199 11.53 4.71 2.08
N ASP B 200 10.78 4.46 3.18
CA ASP B 200 10.82 3.21 3.95
C ASP B 200 9.81 2.16 3.46
N GLY B 201 9.11 2.48 2.36
CA GLY B 201 8.11 1.59 1.78
C GLY B 201 6.73 1.79 2.35
N GLU B 202 6.58 2.81 3.24
CA GLU B 202 5.29 3.22 3.80
C GLU B 202 4.50 3.90 2.69
N GLY B 203 3.20 3.64 2.68
CA GLY B 203 2.25 4.14 1.70
C GLY B 203 2.46 5.54 1.14
N LYS B 204 2.77 6.52 2.02
CA LYS B 204 2.92 7.90 1.59
C LYS B 204 4.19 8.60 2.08
N MET B 205 4.70 9.50 1.24
CA MET B 205 5.83 10.39 1.46
C MET B 205 5.25 11.50 2.35
N SER B 206 5.57 11.50 3.66
CA SER B 206 5.01 12.46 4.63
C SER B 206 6.05 13.17 5.48
N SER B 207 5.86 14.49 5.70
CA SER B 207 6.75 15.35 6.50
C SER B 207 6.89 14.86 7.93
N SER B 208 5.75 14.53 8.58
CA SER B 208 5.72 14.06 9.98
C SER B 208 6.31 12.65 10.14
N LYS B 209 6.33 11.86 9.05
CA LYS B 209 6.82 10.48 9.04
C LYS B 209 8.36 10.33 8.95
N GLY B 210 9.02 11.30 8.31
CA GLY B 210 10.47 11.30 8.13
C GLY B 210 10.95 10.22 7.18
N ASN B 211 10.29 10.11 6.01
CA ASN B 211 10.58 9.11 4.96
C ASN B 211 10.41 9.76 3.57
N PHE B 212 10.87 11.00 3.47
CA PHE B 212 10.73 11.84 2.29
C PHE B 212 12.03 12.48 1.87
N ILE B 213 12.11 12.84 0.60
CA ILE B 213 13.23 13.64 0.10
C ILE B 213 12.64 15.03 -0.05
N ALA B 214 13.10 15.97 0.77
CA ALA B 214 12.65 17.35 0.72
C ALA B 214 13.37 18.03 -0.44
N VAL B 215 12.71 18.98 -1.12
CA VAL B 215 13.31 19.67 -2.28
C VAL B 215 14.51 20.53 -1.90
N ASP B 216 14.56 20.97 -0.66
CA ASP B 216 15.66 21.79 -0.15
C ASP B 216 16.79 20.95 0.45
N ASP B 217 16.61 19.61 0.52
CA ASP B 217 17.62 18.68 1.05
C ASP B 217 18.97 18.84 0.37
N SER B 218 20.05 18.88 1.18
CA SER B 218 21.41 19.02 0.68
C SER B 218 21.83 17.71 -0.01
N PRO B 219 22.86 17.74 -0.91
CA PRO B 219 23.29 16.50 -1.60
C PRO B 219 23.54 15.29 -0.69
N GLU B 220 24.17 15.52 0.47
CA GLU B 220 24.53 14.47 1.43
C GLU B 220 23.30 13.78 2.00
N GLU B 221 22.24 14.58 2.27
CA GLU B 221 20.98 14.08 2.77
C GLU B 221 20.32 13.23 1.70
N ILE B 222 20.27 13.72 0.45
CA ILE B 222 19.66 12.96 -0.64
C ILE B 222 20.35 11.58 -0.77
N ARG B 223 21.70 11.56 -0.77
CA ARG B 223 22.49 10.33 -0.87
C ARG B 223 22.21 9.37 0.27
N ALA B 224 22.12 9.91 1.52
CA ALA B 224 21.88 9.16 2.75
C ALA B 224 20.50 8.47 2.74
N LYS B 225 19.46 9.26 2.43
CA LYS B 225 18.06 8.83 2.34
C LYS B 225 17.86 7.82 1.22
N ILE B 226 18.52 8.06 0.06
CA ILE B 226 18.46 7.15 -1.09
C ILE B 226 19.11 5.81 -0.69
N LYS B 227 20.23 5.89 0.07
CA LYS B 227 20.96 4.72 0.53
C LYS B 227 20.19 3.77 1.48
N LYS B 228 19.51 4.35 2.49
CA LYS B 228 18.70 3.62 3.49
C LYS B 228 17.34 3.13 2.92
N ALA B 229 16.88 3.73 1.82
CA ALA B 229 15.59 3.42 1.21
C ALA B 229 15.26 1.96 0.82
N TYR B 230 13.98 1.62 0.95
CA TYR B 230 13.35 0.36 0.56
C TYR B 230 13.49 0.27 -0.98
N CYS B 231 14.16 -0.79 -1.48
CA CYS B 231 14.41 -0.97 -2.90
C CYS B 231 14.90 -2.40 -3.15
N PRO B 232 14.09 -3.44 -2.86
CA PRO B 232 14.57 -4.81 -3.11
C PRO B 232 14.74 -5.07 -4.59
N ALA B 233 15.60 -6.02 -4.94
CA ALA B 233 15.89 -6.31 -6.33
C ALA B 233 14.67 -6.86 -7.09
N GLY B 234 14.55 -6.46 -8.35
CA GLY B 234 13.50 -6.94 -9.23
C GLY B 234 12.10 -6.40 -9.02
N VAL B 235 11.82 -5.81 -7.84
CA VAL B 235 10.50 -5.25 -7.55
C VAL B 235 10.37 -3.78 -8.04
N VAL B 236 9.29 -3.50 -8.78
CA VAL B 236 9.01 -2.17 -9.35
C VAL B 236 7.83 -1.54 -8.61
N GLU B 237 6.76 -2.35 -8.38
CA GLU B 237 5.54 -1.91 -7.72
C GLU B 237 5.76 -1.52 -6.23
N GLY B 238 5.48 -0.26 -5.93
CA GLY B 238 5.68 0.31 -4.59
C GLY B 238 7.13 0.52 -4.20
N ASN B 239 8.05 0.51 -5.18
CA ASN B 239 9.47 0.76 -4.98
C ASN B 239 9.66 2.29 -5.11
N PRO B 240 10.00 3.00 -3.99
CA PRO B 240 10.10 4.47 -4.05
C PRO B 240 11.20 5.01 -4.93
N ILE B 241 12.29 4.20 -5.09
CA ILE B 241 13.44 4.54 -5.90
C ILE B 241 13.02 4.53 -7.32
N MET B 242 12.31 3.49 -7.73
CA MET B 242 11.77 3.35 -9.08
C MET B 242 10.79 4.47 -9.41
N GLU B 243 9.95 4.87 -8.43
CA GLU B 243 8.95 5.93 -8.60
C GLU B 243 9.56 7.33 -8.88
N ILE B 244 10.65 7.63 -8.16
CA ILE B 244 11.42 8.85 -8.33
C ILE B 244 12.02 8.82 -9.72
N ALA B 245 12.44 7.64 -10.15
CA ALA B 245 13.06 7.49 -11.47
C ALA B 245 12.05 7.73 -12.60
N LYS B 246 10.82 7.24 -12.40
CA LYS B 246 9.69 7.42 -13.34
C LYS B 246 9.28 8.93 -13.49
N TYR B 247 9.00 9.55 -12.36
CA TYR B 247 8.41 10.86 -12.27
C TYR B 247 9.33 12.08 -12.31
N PHE B 248 10.59 11.92 -11.89
CA PHE B 248 11.50 13.06 -11.83
C PHE B 248 12.66 13.04 -12.79
N LEU B 249 13.11 11.85 -13.27
CA LEU B 249 14.28 11.83 -14.17
C LEU B 249 14.06 12.07 -15.67
N GLU B 250 15.05 12.71 -16.36
CA GLU B 250 15.03 12.95 -17.81
C GLU B 250 15.78 11.83 -18.51
N TYR B 251 15.22 11.34 -19.61
CA TYR B 251 15.78 10.24 -20.40
C TYR B 251 16.07 10.67 -21.84
N PRO B 252 17.10 10.09 -22.54
CA PRO B 252 18.04 9.04 -22.12
C PRO B 252 18.91 9.39 -20.92
N LEU B 253 19.30 8.38 -20.15
CA LEU B 253 20.07 8.50 -18.93
C LEU B 253 21.24 7.53 -18.99
N THR B 254 22.34 7.84 -18.29
CA THR B 254 23.46 6.93 -18.20
C THR B 254 23.84 6.68 -16.76
N ILE B 255 23.83 5.39 -16.36
CA ILE B 255 24.17 4.90 -15.02
C ILE B 255 25.68 4.58 -15.02
N LYS B 256 26.45 5.40 -14.30
CA LYS B 256 27.90 5.25 -14.17
C LYS B 256 28.14 4.22 -13.08
N ARG B 257 28.32 2.95 -13.48
CA ARG B 257 28.54 1.84 -12.55
C ARG B 257 29.96 1.20 -12.73
N PRO B 258 30.51 0.39 -11.78
CA PRO B 258 31.85 -0.19 -12.02
C PRO B 258 31.86 -1.17 -13.19
N GLU B 259 32.97 -1.15 -13.97
CA GLU B 259 33.21 -1.98 -15.15
C GLU B 259 33.11 -3.49 -14.89
N LYS B 260 33.50 -3.91 -13.67
CA LYS B 260 33.46 -5.32 -13.26
C LYS B 260 32.05 -5.72 -12.82
N PHE B 261 31.23 -4.74 -12.41
CA PHE B 261 29.83 -4.93 -11.98
C PHE B 261 28.83 -4.97 -13.16
N GLY B 262 29.35 -4.86 -14.39
CA GLY B 262 28.55 -4.89 -15.62
C GLY B 262 28.86 -3.80 -16.63
N GLY B 263 29.72 -2.87 -16.23
CA GLY B 263 30.13 -1.77 -17.09
C GLY B 263 29.40 -0.48 -16.83
N ASP B 264 28.76 0.04 -17.86
CA ASP B 264 28.04 1.30 -17.82
C ASP B 264 26.78 1.11 -18.65
N LEU B 265 25.61 1.24 -18.00
CA LEU B 265 24.32 1.06 -18.66
C LEU B 265 23.73 2.42 -18.98
N THR B 266 23.39 2.62 -20.25
CA THR B 266 22.73 3.83 -20.70
C THR B 266 21.30 3.42 -20.93
N VAL B 267 20.37 4.09 -20.23
CA VAL B 267 18.94 3.81 -20.19
C VAL B 267 18.15 4.82 -21.03
N ASN B 268 17.51 4.33 -22.11
CA ASN B 268 16.73 5.15 -23.04
C ASN B 268 15.45 5.77 -22.43
N SER B 269 14.78 5.03 -21.53
CA SER B 269 13.52 5.44 -20.93
C SER B 269 13.33 4.84 -19.54
N TYR B 270 12.26 5.26 -18.82
CA TYR B 270 11.94 4.71 -17.51
C TYR B 270 11.65 3.19 -17.66
N GLU B 271 10.83 2.83 -18.67
CA GLU B 271 10.41 1.47 -19.02
C GLU B 271 11.63 0.60 -19.32
N GLU B 272 12.71 1.21 -19.84
CA GLU B 272 13.93 0.46 -20.06
C GLU B 272 14.55 0.18 -18.67
N LEU B 273 14.58 1.19 -17.80
CA LEU B 273 15.08 1.04 -16.41
C LEU B 273 14.26 -0.03 -15.64
N GLU B 274 12.96 -0.09 -15.92
CA GLU B 274 11.97 -1.00 -15.36
C GLU B 274 12.31 -2.45 -15.74
N SER B 275 12.39 -2.76 -17.05
CA SER B 275 12.69 -4.11 -17.52
C SER B 275 14.08 -4.55 -17.10
N LEU B 276 15.03 -3.60 -17.02
CA LEU B 276 16.40 -3.89 -16.57
C LEU B 276 16.38 -4.23 -15.09
N PHE B 277 15.60 -3.46 -14.29
CA PHE B 277 15.46 -3.70 -12.84
C PHE B 277 14.76 -5.03 -12.52
N LYS B 278 13.55 -5.25 -13.09
CA LYS B 278 12.71 -6.45 -12.95
C LYS B 278 13.44 -7.75 -13.33
N ASN B 279 14.39 -7.65 -14.28
CA ASN B 279 15.18 -8.76 -14.80
C ASN B 279 16.61 -8.84 -14.22
N LYS B 280 16.82 -8.41 -12.96
CA LYS B 280 18.10 -8.46 -12.21
C LYS B 280 19.35 -7.87 -12.87
N GLU B 281 19.24 -7.36 -14.12
CA GLU B 281 20.32 -6.73 -14.87
C GLU B 281 20.87 -5.44 -14.21
N LEU B 282 20.03 -4.74 -13.42
CA LEU B 282 20.48 -3.56 -12.73
C LEU B 282 20.32 -3.76 -11.23
N HIS B 283 21.43 -3.76 -10.48
CA HIS B 283 21.42 -3.95 -9.03
C HIS B 283 20.89 -2.71 -8.28
N PRO B 284 20.16 -2.89 -7.14
CA PRO B 284 19.61 -1.72 -6.41
C PRO B 284 20.62 -0.63 -6.07
N MET B 285 21.85 -1.01 -5.69
CA MET B 285 22.93 -0.09 -5.34
C MET B 285 23.24 0.86 -6.49
N ASP B 286 23.37 0.29 -7.72
CA ASP B 286 23.64 1.02 -8.96
C ASP B 286 22.45 1.91 -9.29
N LEU B 287 21.21 1.40 -9.11
CA LEU B 287 20.03 2.21 -9.33
C LEU B 287 20.03 3.41 -8.35
N LYS B 288 20.34 3.12 -7.06
CA LYS B 288 20.38 4.12 -6.00
C LYS B 288 21.35 5.26 -6.30
N ASN B 289 22.58 4.89 -6.70
CA ASN B 289 23.66 5.81 -7.01
C ASN B 289 23.31 6.78 -8.12
N ALA B 290 22.77 6.25 -9.23
CA ALA B 290 22.29 7.01 -10.39
C ALA B 290 21.09 7.90 -9.99
N VAL B 291 20.16 7.35 -9.19
CA VAL B 291 18.99 8.14 -8.82
C VAL B 291 19.38 9.32 -7.93
N ALA B 292 20.29 9.07 -6.96
CA ALA B 292 20.78 10.08 -6.02
C ALA B 292 21.44 11.24 -6.79
N GLU B 293 22.38 10.90 -7.67
CA GLU B 293 23.11 11.88 -8.47
C GLU B 293 22.24 12.71 -9.42
N GLU B 294 21.23 12.06 -10.06
CA GLU B 294 20.30 12.75 -10.94
C GLU B 294 19.38 13.66 -10.14
N LEU B 295 18.83 13.16 -9.02
CA LEU B 295 17.96 13.98 -8.16
C LEU B 295 18.70 15.25 -7.69
N ILE B 296 19.99 15.13 -7.26
CA ILE B 296 20.86 16.23 -6.83
C ILE B 296 20.91 17.32 -7.92
N LYS B 297 21.03 16.89 -9.20
CA LYS B 297 21.06 17.76 -10.38
C LYS B 297 19.74 18.50 -10.65
N ILE B 298 18.59 17.80 -10.48
CA ILE B 298 17.23 18.35 -10.70
C ILE B 298 16.80 19.37 -9.64
N LEU B 299 17.11 19.09 -8.37
CA LEU B 299 16.71 20.04 -7.33
C LEU B 299 17.72 21.10 -6.93
N GLU B 300 18.94 21.01 -7.48
CA GLU B 300 20.03 21.97 -7.29
C GLU B 300 19.54 23.44 -7.41
N PRO B 301 18.80 23.82 -8.49
CA PRO B 301 18.32 25.22 -8.57
C PRO B 301 17.35 25.56 -7.47
N ILE B 302 16.42 24.64 -7.11
CA ILE B 302 15.44 24.89 -6.02
C ILE B 302 16.22 25.16 -4.73
N ARG B 303 17.03 24.17 -4.29
CA ARG B 303 17.95 24.22 -3.15
C ARG B 303 18.71 25.58 -3.13
N LYS B 304 19.43 25.93 -4.18
CA LYS B 304 20.18 27.21 -4.16
C LYS B 304 19.33 28.47 -4.04
N ARG B 305 18.14 28.47 -4.65
CA ARG B 305 17.17 29.56 -4.66
C ARG B 305 16.61 29.84 -3.25
N LEU B 306 16.78 28.86 -2.32
CA LEU B 306 16.31 28.90 -0.93
C LEU B 306 17.40 29.13 0.16
N LEU B 307 18.30 30.09 -0.11
CA LEU B 307 19.38 30.56 0.78
C LEU B 307 20.05 31.83 0.23
C 4CF C . -7.54 -13.91 10.55
N 4CF C . -9.96 -14.02 11.14
O 4CF C . -7.45 -14.97 11.29
C1 4CF C . -12.07 -7.86 7.82
N1 4CF C . -12.69 -7.06 7.23
CA 4CF C . -8.89 -13.21 10.49
CB 4CF C . -8.84 -11.76 10.92
CG 4CF C . -9.67 -10.80 10.11
CZ 4CF C . -11.23 -8.90 8.54
CD1 4CF C . -9.80 -10.93 8.60
CD2 4CF C . -10.27 -9.75 10.78
CE1 4CF C . -10.62 -9.95 7.87
CE2 4CF C . -11.03 -8.75 10.03
OXT 4CF C . -6.56 -13.48 9.86
C 4CF D . -4.27 18.85 1.65
N 4CF D . -6.87 18.81 1.40
O 4CF D . -4.28 17.63 2.13
C1 4CF D . -9.07 24.57 -1.86
N1 4CF D . -9.75 25.32 -2.44
CA 4CF D . -5.55 19.47 1.08
CB 4CF D . -5.56 20.98 1.30
CG 4CF D . -6.43 21.85 0.43
CZ 4CF D . -8.21 23.61 -1.07
CD1 4CF D . -7.19 23.00 1.08
CD2 4CF D . -6.67 21.53 -0.90
CE1 4CF D . -8.01 23.86 0.26
CE2 4CF D . -7.57 22.37 -1.70
OXT 4CF D . -3.17 19.52 1.65
#